data_4CQ6
#
_entry.id   4CQ6
#
_cell.length_a   64.600
_cell.length_b   99.900
_cell.length_c   106.300
_cell.angle_alpha   90.00
_cell.angle_beta   90.00
_cell.angle_gamma   90.00
#
_symmetry.space_group_name_H-M   'P 21 21 21'
#
loop_
_entity.id
_entity.type
_entity.pdbx_description
1 polymer 'ALLENE OXIDE CYCLASE 2, CHLOROPLASTIC'
2 non-polymer (4R)-2-METHYLPENTANE-2,4-DIOL
3 non-polymer 'PHOSPHATE ION'
4 non-polymer '(9Z)-11-[(2R,3S)-3-pentyloxiran-2-yl]undec-9-enoic acid'
5 water water
#
_entity_poly.entity_id   1
_entity_poly.type   'polypeptide(L)'
_entity_poly.pdbx_seq_one_letter_code
;MRGSHHHHHHGSPSKVQELSVYEINELDRHSPKILKNAFSLMFGLGDLVPFTNKLYTGDLKKRVGITAGLCVVIEHVPEK
KGERFEATYSFYFGDYGHLSVQGPYLTYEDSFLAITGGAGIFEGAYGQVKLQQLVYPTKLFYTFYLKGLANDLPLELTGT
PVPPSKDIEPAPEAKALEPSGVISNYTN
;
_entity_poly.pdbx_strand_id   A,B,C
#
loop_
_chem_comp.id
_chem_comp.type
_chem_comp.name
_chem_comp.formula
MRD non-polymer (4R)-2-METHYLPENTANE-2,4-DIOL 'C6 H14 O2'
PO4 non-polymer 'PHOSPHATE ION' 'O4 P -3'
T25 non-polymer '(9Z)-11-[(2R,3S)-3-pentyloxiran-2-yl]undec-9-enoic acid' 'C18 H32 O3'
#
# COMPACT_ATOMS: atom_id res chain seq x y z
N LYS A 15 6.45 16.60 17.31
CA LYS A 15 6.88 17.75 16.51
C LYS A 15 6.69 17.58 14.98
N VAL A 16 5.84 18.42 14.41
CA VAL A 16 5.48 18.34 13.00
C VAL A 16 6.43 19.20 12.16
N GLN A 17 6.97 18.63 11.09
CA GLN A 17 7.72 19.39 10.10
C GLN A 17 6.89 19.45 8.81
N GLU A 18 6.50 20.63 8.37
CA GLU A 18 5.78 20.77 7.11
C GLU A 18 6.73 20.67 5.94
N LEU A 19 6.36 19.86 4.95
CA LEU A 19 7.08 19.73 3.72
C LEU A 19 6.09 19.87 2.58
N SER A 20 6.26 20.87 1.72
CA SER A 20 5.40 21.05 0.56
C SER A 20 6.15 20.75 -0.74
N VAL A 21 5.45 20.14 -1.69
CA VAL A 21 6.00 19.81 -3.00
C VAL A 21 4.94 20.03 -4.06
N TYR A 22 5.39 20.26 -5.29
CA TYR A 22 4.52 20.34 -6.45
C TYR A 22 4.73 19.13 -7.36
N GLU A 23 3.62 18.48 -7.72
CA GLU A 23 3.62 17.37 -8.63
C GLU A 23 3.11 17.87 -9.98
N ILE A 24 3.87 17.67 -11.03
CA ILE A 24 3.52 18.18 -12.36
CA ILE A 24 3.51 18.18 -12.34
C ILE A 24 3.63 17.11 -13.40
N ASN A 25 2.56 16.96 -14.18
CA ASN A 25 2.55 16.04 -15.29
C ASN A 25 2.98 16.85 -16.53
N GLU A 26 4.18 16.56 -17.03
CA GLU A 26 4.72 17.28 -18.20
C GLU A 26 4.59 16.46 -19.48
N LEU A 27 3.80 15.38 -19.39
CA LEU A 27 3.32 14.59 -20.52
C LEU A 27 4.40 13.82 -21.25
N ASP A 28 5.56 13.68 -20.61
CA ASP A 28 6.71 13.01 -21.22
C ASP A 28 7.08 11.68 -20.53
N ARG A 29 6.18 11.14 -19.71
CA ARG A 29 6.43 9.87 -18.99
C ARG A 29 5.38 8.81 -19.26
N HIS A 30 4.68 8.94 -20.39
CA HIS A 30 3.61 8.02 -20.77
C HIS A 30 2.49 7.91 -19.79
N SER A 31 2.31 8.96 -18.99
CA SER A 31 1.43 8.94 -17.83
C SER A 31 0.35 9.98 -17.95
N PRO A 32 -0.89 9.67 -17.54
CA PRO A 32 -1.35 8.42 -16.95
C PRO A 32 -1.56 7.34 -17.99
N LYS A 33 -1.44 6.08 -17.61
CA LYS A 33 -1.81 4.99 -18.48
C LYS A 33 -3.18 4.49 -18.02
N ILE A 34 -4.20 4.49 -18.89
CA ILE A 34 -5.53 4.09 -18.44
C ILE A 34 -5.82 2.66 -18.85
N LEU A 35 -6.07 1.80 -17.88
CA LEU A 35 -6.37 0.41 -18.14
C LEU A 35 -7.87 0.30 -17.99
N LYS A 36 -8.60 0.36 -19.11
CA LYS A 36 -10.07 0.53 -19.04
C LYS A 36 -10.76 -0.82 -19.07
N ASN A 37 -11.18 -1.28 -17.91
CA ASN A 37 -11.77 -2.59 -17.75
C ASN A 37 -13.23 -2.54 -17.31
N ALA A 38 -13.71 -1.41 -16.77
CA ALA A 38 -15.10 -1.27 -16.40
C ALA A 38 -16.03 -1.28 -17.64
N PHE A 39 -17.25 -1.72 -17.46
CA PHE A 39 -18.23 -1.67 -18.55
C PHE A 39 -18.72 -0.24 -18.81
N SER A 40 -18.75 0.56 -17.75
CA SER A 40 -19.26 1.91 -17.88
C SER A 40 -18.47 2.66 -18.92
N LEU A 41 -19.15 3.58 -19.59
CA LEU A 41 -18.46 4.52 -20.50
C LEU A 41 -17.62 5.54 -19.73
N MET A 42 -18.09 5.92 -18.56
CA MET A 42 -17.29 6.73 -17.66
CA MET A 42 -17.36 6.72 -17.61
C MET A 42 -16.35 5.83 -16.87
N PHE A 43 -15.45 6.44 -16.10
CA PHE A 43 -14.58 5.65 -15.21
C PHE A 43 -15.48 4.86 -14.28
N GLY A 44 -15.03 3.66 -13.89
CA GLY A 44 -15.78 2.83 -12.95
C GLY A 44 -14.90 1.77 -12.34
N LEU A 45 -15.43 1.12 -11.31
CA LEU A 45 -14.70 0.05 -10.65
C LEU A 45 -14.24 -0.99 -11.70
N GLY A 46 -12.97 -1.35 -11.62
CA GLY A 46 -12.32 -2.18 -12.63
C GLY A 46 -11.25 -1.42 -13.36
N ASP A 47 -11.43 -0.10 -13.49
CA ASP A 47 -10.45 0.70 -14.19
C ASP A 47 -9.24 0.94 -13.29
N LEU A 48 -8.06 0.82 -13.87
CA LEU A 48 -6.78 0.99 -13.14
C LEU A 48 -5.90 2.03 -13.85
N VAL A 49 -5.23 2.86 -13.07
CA VAL A 49 -4.43 3.96 -13.65
C VAL A 49 -3.05 4.04 -13.02
N PRO A 50 -2.11 3.24 -13.54
CA PRO A 50 -0.72 3.40 -13.13
C PRO A 50 -0.23 4.79 -13.57
N PHE A 51 0.61 5.43 -12.77
CA PHE A 51 1.04 6.78 -13.08
C PHE A 51 2.40 7.12 -12.52
N THR A 52 3.00 8.14 -13.12
CA THR A 52 4.23 8.71 -12.63
C THR A 52 4.40 10.12 -13.18
N ASN A 53 4.47 11.09 -12.28
CA ASN A 53 4.69 12.50 -12.61
C ASN A 53 6.02 13.03 -12.07
N LYS A 54 6.37 14.27 -12.43
CA LYS A 54 7.57 14.90 -11.90
C LYS A 54 7.25 15.60 -10.58
N LEU A 55 8.27 15.72 -9.72
CA LEU A 55 8.14 16.35 -8.42
C LEU A 55 9.21 17.46 -8.26
N TYR A 56 8.74 18.62 -7.80
CA TYR A 56 9.53 19.82 -7.56
C TYR A 56 9.37 20.30 -6.13
N THR A 57 10.33 21.06 -5.65
CA THR A 57 10.21 21.65 -4.32
C THR A 57 9.04 22.60 -4.20
N GLY A 58 8.66 22.85 -2.95
CA GLY A 58 7.55 23.72 -2.62
C GLY A 58 7.75 25.13 -3.13
N ASP A 59 9.02 25.54 -3.20
CA ASP A 59 9.36 26.89 -3.70
C ASP A 59 9.58 26.92 -5.22
N LEU A 60 9.38 25.77 -5.85
CA LEU A 60 9.44 25.55 -7.29
C LEU A 60 10.81 25.79 -7.92
N LYS A 61 11.84 25.92 -7.10
CA LYS A 61 13.17 26.20 -7.61
C LYS A 61 13.93 24.98 -8.10
N LYS A 62 13.60 23.79 -7.58
CA LYS A 62 14.36 22.59 -7.91
C LYS A 62 13.49 21.38 -8.18
N ARG A 63 13.90 20.65 -9.21
CA ARG A 63 13.44 19.29 -9.47
C ARG A 63 14.00 18.38 -8.38
N VAL A 64 13.13 17.59 -7.71
CA VAL A 64 13.61 16.66 -6.68
C VAL A 64 13.48 15.20 -7.14
N GLY A 65 12.48 14.90 -7.96
CA GLY A 65 12.23 13.51 -8.36
C GLY A 65 10.92 13.30 -9.08
N ILE A 66 10.17 12.28 -8.62
CA ILE A 66 8.98 11.79 -9.27
C ILE A 66 7.96 11.30 -8.24
N THR A 67 6.71 11.20 -8.67
CA THR A 67 5.74 10.35 -8.01
C THR A 67 5.66 9.06 -8.80
N ALA A 68 5.22 7.97 -8.15
CA ALA A 68 5.09 6.68 -8.82
C ALA A 68 4.14 5.77 -8.07
N GLY A 69 3.17 5.20 -8.79
CA GLY A 69 2.23 4.26 -8.19
C GLY A 69 0.98 4.00 -8.97
N LEU A 70 -0.10 3.68 -8.25
CA LEU A 70 -1.30 3.14 -8.85
C LEU A 70 -2.54 3.83 -8.27
N CYS A 71 -3.41 4.33 -9.15
CA CYS A 71 -4.74 4.80 -8.78
C CYS A 71 -5.76 3.74 -9.21
N VAL A 72 -6.55 3.29 -8.24
CA VAL A 72 -7.62 2.31 -8.44
C VAL A 72 -8.95 3.08 -8.48
N VAL A 73 -9.68 3.02 -9.60
CA VAL A 73 -10.99 3.69 -9.64
C VAL A 73 -11.95 2.99 -8.68
N ILE A 74 -12.61 3.76 -7.82
CA ILE A 74 -13.63 3.24 -6.92
C ILE A 74 -15.07 3.49 -7.47
N GLU A 75 -15.32 4.71 -7.95
CA GLU A 75 -16.61 5.04 -8.54
C GLU A 75 -16.56 6.32 -9.30
N HIS A 76 -17.50 6.49 -10.21
CA HIS A 76 -17.81 7.80 -10.76
C HIS A 76 -18.77 8.52 -9.83
N VAL A 77 -18.61 9.83 -9.71
CA VAL A 77 -19.43 10.63 -8.82
C VAL A 77 -20.12 11.68 -9.72
N PRO A 78 -21.25 11.32 -10.31
CA PRO A 78 -21.84 12.18 -11.35
C PRO A 78 -22.29 13.56 -10.82
N GLU A 79 -22.70 13.64 -9.56
CA GLU A 79 -23.18 14.91 -9.03
C GLU A 79 -22.01 15.88 -8.85
N LYS A 80 -20.78 15.35 -8.88
CA LYS A 80 -19.57 16.18 -8.75
C LYS A 80 -18.77 16.24 -10.03
N LYS A 81 -19.29 15.61 -11.07
CA LYS A 81 -18.61 15.54 -12.37
C LYS A 81 -17.16 15.11 -12.22
N GLY A 82 -16.94 14.04 -11.46
CA GLY A 82 -15.58 13.60 -11.23
C GLY A 82 -15.57 12.16 -10.71
N GLU A 83 -14.38 11.72 -10.28
CA GLU A 83 -14.11 10.34 -9.93
C GLU A 83 -13.55 10.24 -8.52
N ARG A 84 -13.82 9.13 -7.85
CA ARG A 84 -13.08 8.73 -6.67
C ARG A 84 -12.09 7.61 -7.00
N PHE A 85 -10.83 7.87 -6.68
CA PHE A 85 -9.76 6.90 -6.75
C PHE A 85 -9.30 6.50 -5.35
N GLU A 86 -8.78 5.29 -5.24
CA GLU A 86 -7.99 4.85 -4.06
C GLU A 86 -6.55 4.73 -4.56
N ALA A 87 -5.63 5.48 -3.95
CA ALA A 87 -4.26 5.62 -4.46
C ALA A 87 -3.22 5.04 -3.50
N THR A 88 -2.24 4.38 -4.09
CA THR A 88 -1.09 3.82 -3.42
C THR A 88 0.15 4.25 -4.18
N TYR A 89 0.98 5.11 -3.59
CA TYR A 89 2.13 5.64 -4.32
C TYR A 89 3.21 6.26 -3.46
N SER A 90 4.35 6.50 -4.10
CA SER A 90 5.50 7.06 -3.41
C SER A 90 5.95 8.36 -4.08
N PHE A 91 6.62 9.16 -3.26
CA PHE A 91 7.21 10.45 -3.61
C PHE A 91 8.72 10.31 -3.46
N TYR A 92 9.46 10.48 -4.55
CA TYR A 92 10.92 10.26 -4.55
C TYR A 92 11.69 11.59 -4.55
N PHE A 93 12.68 11.65 -3.66
CA PHE A 93 13.51 12.85 -3.44
C PHE A 93 15.00 12.55 -3.68
N GLY A 94 15.31 11.89 -4.78
CA GLY A 94 16.69 11.62 -5.12
C GLY A 94 17.41 10.88 -4.00
N ASP A 95 18.61 11.36 -3.65
CA ASP A 95 19.37 10.67 -2.60
C ASP A 95 18.82 10.85 -1.21
N TYR A 96 17.86 11.76 -1.01
CA TYR A 96 17.29 11.94 0.31
C TYR A 96 16.39 10.76 0.73
N GLY A 97 15.80 10.05 -0.23
CA GLY A 97 14.89 8.95 0.08
C GLY A 97 13.52 9.15 -0.50
N HIS A 98 12.51 8.56 0.12
CA HIS A 98 11.14 8.68 -0.36
C HIS A 98 10.13 8.60 0.77
N LEU A 99 8.92 9.05 0.43
CA LEU A 99 7.74 8.95 1.29
C LEU A 99 6.69 8.11 0.58
N SER A 100 5.96 7.29 1.34
CA SER A 100 4.85 6.50 0.78
C SER A 100 3.53 6.87 1.40
N VAL A 101 2.47 6.76 0.61
CA VAL A 101 1.14 7.20 1.04
C VAL A 101 0.06 6.20 0.57
N GLN A 102 -1.11 6.31 1.20
N GLN A 102 -1.11 6.26 1.23
CA GLN A 102 -2.28 5.59 0.82
CA GLN A 102 -2.28 5.41 0.96
C GLN A 102 -3.49 6.39 1.18
C GLN A 102 -3.53 6.26 1.24
N GLY A 103 -4.47 6.40 0.29
CA GLY A 103 -5.71 7.09 0.58
C GLY A 103 -6.43 7.60 -0.63
N PRO A 104 -7.36 8.55 -0.42
CA PRO A 104 -8.29 8.97 -1.45
C PRO A 104 -7.71 10.07 -2.33
N TYR A 105 -7.90 9.90 -3.63
CA TYR A 105 -7.69 10.98 -4.61
C TYR A 105 -9.03 11.20 -5.32
N LEU A 106 -9.61 12.37 -5.08
CA LEU A 106 -10.91 12.77 -5.64
C LEU A 106 -10.69 13.82 -6.71
N THR A 107 -11.12 13.60 -7.93
CA THR A 107 -10.74 14.55 -8.98
C THR A 107 -11.38 15.93 -8.80
N TYR A 108 -12.39 15.98 -7.95
CA TYR A 108 -13.25 17.15 -7.79
C TYR A 108 -13.03 17.93 -6.49
N GLU A 109 -12.18 17.47 -5.56
CA GLU A 109 -11.94 18.23 -4.33
C GLU A 109 -10.70 17.75 -3.60
N ASP A 110 -10.20 18.60 -2.71
CA ASP A 110 -9.00 18.29 -1.95
C ASP A 110 -9.26 17.10 -1.02
N SER A 111 -8.18 16.44 -0.64
CA SER A 111 -8.26 15.29 0.28
C SER A 111 -7.03 15.22 1.16
N PHE A 112 -7.08 14.32 2.14
CA PHE A 112 -5.92 13.95 2.93
C PHE A 112 -5.61 12.45 2.78
N LEU A 113 -4.33 12.12 2.60
CA LEU A 113 -3.88 10.72 2.54
C LEU A 113 -3.02 10.38 3.75
N ALA A 114 -2.96 9.09 4.07
CA ALA A 114 -2.08 8.60 5.13
C ALA A 114 -0.64 8.53 4.65
N ILE A 115 0.30 8.98 5.47
CA ILE A 115 1.72 8.70 5.27
C ILE A 115 2.00 7.31 5.85
N THR A 116 2.29 6.35 4.99
CA THR A 116 2.42 4.97 5.47
C THR A 116 3.82 4.63 5.98
N GLY A 117 4.79 5.42 5.56
CA GLY A 117 6.17 5.29 6.01
C GLY A 117 7.11 6.01 5.05
N GLY A 118 8.42 5.86 5.28
CA GLY A 118 9.41 6.42 4.39
C GLY A 118 10.76 5.73 4.48
N ALA A 119 11.73 6.18 3.70
CA ALA A 119 13.11 5.66 3.74
C ALA A 119 14.10 6.80 3.59
N GLY A 120 15.36 6.54 3.90
CA GLY A 120 16.37 7.60 3.83
C GLY A 120 16.14 8.60 4.96
N ILE A 121 16.19 9.89 4.65
CA ILE A 121 15.91 10.85 5.74
C ILE A 121 14.46 10.78 6.23
N PHE A 122 13.60 10.10 5.45
CA PHE A 122 12.19 9.95 5.80
C PHE A 122 11.89 8.68 6.57
N GLU A 123 12.94 7.93 6.95
CA GLU A 123 12.75 6.76 7.82
C GLU A 123 12.01 7.14 9.09
N GLY A 124 10.97 6.40 9.38
CA GLY A 124 10.16 6.69 10.55
C GLY A 124 8.99 7.63 10.35
N ALA A 125 8.84 8.15 9.13
CA ALA A 125 7.76 9.10 8.84
C ALA A 125 6.38 8.56 9.11
N TYR A 126 5.55 9.40 9.73
CA TYR A 126 4.15 9.13 9.89
C TYR A 126 3.38 10.43 9.91
N GLY A 127 2.05 10.30 9.76
CA GLY A 127 1.19 11.47 9.73
C GLY A 127 0.28 11.45 8.52
N GLN A 128 -0.13 12.64 8.09
CA GLN A 128 -1.04 12.78 6.93
C GLN A 128 -0.51 13.85 5.99
N VAL A 129 -1.00 13.83 4.75
CA VAL A 129 -0.61 14.79 3.71
C VAL A 129 -1.87 15.33 3.02
N LYS A 130 -1.93 16.64 2.83
CA LYS A 130 -3.01 17.28 2.10
C LYS A 130 -2.70 17.36 0.61
N LEU A 131 -3.64 16.91 -0.21
CA LEU A 131 -3.56 16.91 -1.64
C LEU A 131 -4.53 17.99 -2.17
N GLN A 132 -3.98 18.93 -2.93
CA GLN A 132 -4.73 20.01 -3.57
C GLN A 132 -4.47 20.01 -5.06
N GLN A 133 -5.52 19.76 -5.83
CA GLN A 133 -5.35 19.77 -7.28
C GLN A 133 -5.54 21.21 -7.78
N LEU A 134 -4.60 21.66 -8.61
CA LEU A 134 -4.60 23.03 -9.10
C LEU A 134 -5.06 23.12 -10.54
N VAL A 135 -4.62 22.18 -11.36
CA VAL A 135 -5.12 22.04 -12.72
C VAL A 135 -5.33 20.56 -12.94
N TYR A 136 -6.54 20.20 -13.31
CA TYR A 136 -6.84 18.79 -13.58
C TYR A 136 -6.42 18.41 -14.99
N PRO A 137 -5.52 17.41 -15.17
CA PRO A 137 -4.83 16.54 -14.21
C PRO A 137 -3.34 16.84 -14.06
N THR A 138 -2.89 18.01 -14.50
CA THR A 138 -1.46 18.26 -14.68
C THR A 138 -0.70 18.90 -13.51
N LYS A 139 -1.41 19.54 -12.57
CA LYS A 139 -0.71 20.27 -11.49
C LYS A 139 -1.37 20.03 -10.13
N LEU A 140 -0.60 19.48 -9.19
CA LEU A 140 -1.06 19.23 -7.81
C LEU A 140 -0.04 19.77 -6.80
N PHE A 141 -0.53 20.19 -5.64
CA PHE A 141 0.29 20.71 -4.53
C PHE A 141 0.01 19.90 -3.30
N TYR A 142 1.08 19.50 -2.61
CA TYR A 142 0.96 18.68 -1.41
C TYR A 142 1.60 19.37 -0.22
N THR A 143 1.00 19.18 0.95
CA THR A 143 1.65 19.53 2.20
C THR A 143 1.63 18.34 3.16
N PHE A 144 2.82 17.81 3.39
CA PHE A 144 3.06 16.68 4.30
C PHE A 144 3.20 17.24 5.71
N TYR A 145 2.44 16.70 6.67
CA TYR A 145 2.59 17.10 8.09
C TYR A 145 3.40 16.00 8.79
N LEU A 146 4.72 16.09 8.62
CA LEU A 146 5.61 14.98 8.94
C LEU A 146 6.00 14.89 10.38
N LYS A 147 5.72 13.74 10.96
CA LYS A 147 6.20 13.38 12.30
C LYS A 147 7.16 12.21 12.20
N GLY A 148 7.96 12.01 13.25
CA GLY A 148 8.83 10.84 13.35
C GLY A 148 10.21 10.92 12.75
N LEU A 149 10.55 12.02 12.09
CA LEU A 149 11.84 12.08 11.41
C LEU A 149 12.95 12.23 12.45
N ALA A 150 14.13 11.73 12.10
CA ALA A 150 15.29 11.75 13.00
C ALA A 150 15.90 13.14 13.11
N ASN A 151 15.80 13.93 12.05
CA ASN A 151 16.48 15.23 11.99
C ASN A 151 15.61 16.29 11.34
N ASP A 152 15.96 17.54 11.52
CA ASP A 152 15.32 18.62 10.75
C ASP A 152 15.52 18.34 9.27
N LEU A 153 14.51 18.69 8.49
CA LEU A 153 14.58 18.58 7.04
C LEU A 153 15.70 19.46 6.50
N PRO A 154 16.39 19.03 5.44
CA PRO A 154 17.40 19.88 4.81
C PRO A 154 16.83 21.18 4.24
N LEU A 155 17.62 22.26 4.29
CA LEU A 155 17.10 23.57 3.87
C LEU A 155 16.75 23.56 2.40
N GLU A 156 17.46 22.74 1.64
CA GLU A 156 17.24 22.61 0.19
C GLU A 156 15.75 22.29 -0.12
N LEU A 157 15.11 21.60 0.82
CA LEU A 157 13.73 21.14 0.63
C LEU A 157 12.69 21.99 1.29
N THR A 158 13.11 22.93 2.15
CA THR A 158 12.15 23.69 2.96
C THR A 158 12.11 25.23 2.69
N GLY A 159 12.55 25.67 1.52
CA GLY A 159 12.35 27.06 1.16
C GLY A 159 10.88 27.40 1.19
N THR A 160 10.55 28.65 1.46
CA THR A 160 9.17 29.06 1.60
C THR A 160 8.37 28.70 0.35
N PRO A 161 7.28 27.94 0.52
CA PRO A 161 6.55 27.54 -0.70
C PRO A 161 5.94 28.68 -1.47
N VAL A 162 5.88 28.54 -2.79
CA VAL A 162 5.02 29.40 -3.62
C VAL A 162 3.54 29.08 -3.30
N PRO A 163 2.72 30.12 -3.07
CA PRO A 163 1.30 29.88 -2.77
C PRO A 163 0.64 29.18 -3.96
N PRO A 164 -0.16 28.16 -3.68
CA PRO A 164 -0.70 27.42 -4.82
C PRO A 164 -1.76 28.20 -5.59
N SER A 165 -1.69 28.06 -6.90
CA SER A 165 -2.69 28.58 -7.81
C SER A 165 -2.52 27.87 -9.16
N LYS A 166 -3.52 28.01 -10.03
CA LYS A 166 -3.50 27.35 -11.32
C LYS A 166 -2.36 27.84 -12.20
N ASP A 167 -1.79 29.00 -11.88
CA ASP A 167 -0.80 29.61 -12.78
C ASP A 167 0.65 29.25 -12.41
N ILE A 168 0.87 28.45 -11.38
CA ILE A 168 2.26 28.18 -10.98
C ILE A 168 3.00 27.42 -12.09
N GLU A 169 4.31 27.64 -12.14
CA GLU A 169 5.21 26.93 -13.04
C GLU A 169 6.52 26.66 -12.31
N PRO A 170 7.11 25.48 -12.54
CA PRO A 170 8.47 25.29 -12.01
C PRO A 170 9.43 26.29 -12.63
N ALA A 171 10.43 26.69 -11.87
CA ALA A 171 11.49 27.55 -12.41
C ALA A 171 12.04 26.99 -13.72
N PRO A 172 12.31 27.89 -14.71
CA PRO A 172 12.82 27.44 -16.00
C PRO A 172 14.07 26.59 -15.92
N GLU A 173 14.96 26.91 -14.99
CA GLU A 173 16.16 26.14 -14.85
C GLU A 173 15.88 24.71 -14.35
N ALA A 174 14.80 24.54 -13.59
CA ALA A 174 14.44 23.22 -13.07
C ALA A 174 13.80 22.42 -14.18
N LYS A 175 12.96 23.05 -14.99
CA LYS A 175 12.38 22.36 -16.12
C LYS A 175 13.49 21.90 -17.11
N ALA A 176 14.54 22.69 -17.21
CA ALA A 176 15.65 22.40 -18.13
C ALA A 176 16.73 21.48 -17.56
N LEU A 177 16.59 21.12 -16.29
CA LEU A 177 17.49 20.19 -15.61
C LEU A 177 18.93 20.74 -15.53
N GLU A 178 19.06 22.06 -15.42
CA GLU A 178 20.37 22.68 -15.16
C GLU A 178 20.78 22.37 -13.72
N PRO A 179 22.09 22.32 -13.44
CA PRO A 179 22.50 21.98 -12.08
C PRO A 179 21.92 22.89 -10.98
N SER A 180 21.77 24.18 -11.22
CA SER A 180 21.21 25.05 -10.20
C SER A 180 19.69 24.78 -9.99
N GLY A 181 19.05 24.06 -10.92
CA GLY A 181 17.61 23.78 -10.84
C GLY A 181 17.25 22.34 -10.46
N VAL A 182 18.24 21.55 -10.02
CA VAL A 182 17.99 20.17 -9.58
C VAL A 182 18.72 19.85 -8.28
N ILE A 183 18.18 18.93 -7.48
CA ILE A 183 18.92 18.39 -6.36
C ILE A 183 19.82 17.29 -6.91
N SER A 184 20.85 16.98 -6.16
CA SER A 184 21.80 15.96 -6.58
C SER A 184 21.12 14.61 -6.81
N ASN A 185 21.36 14.03 -8.00
CA ASN A 185 20.81 12.73 -8.34
C ASN A 185 19.29 12.68 -8.19
N TYR A 186 18.64 13.76 -8.57
CA TYR A 186 17.17 13.79 -8.63
C TYR A 186 16.62 12.54 -9.31
N THR A 187 15.48 12.05 -8.81
CA THR A 187 14.92 10.81 -9.33
C THR A 187 14.26 11.08 -10.67
N ASN A 188 14.46 10.19 -11.63
CA ASN A 188 13.84 10.33 -12.94
C ASN A 188 13.48 8.97 -13.49
N LYS B 15 15.32 1.43 19.87
CA LYS B 15 16.33 0.51 19.37
C LYS B 15 15.93 -0.15 18.04
N VAL B 16 16.94 -0.37 17.22
CA VAL B 16 16.77 -0.92 15.89
C VAL B 16 17.17 -2.38 15.93
N GLN B 17 16.35 -3.25 15.39
CA GLN B 17 16.67 -4.67 15.30
C GLN B 17 16.83 -5.00 13.83
N GLU B 18 17.97 -5.56 13.48
CA GLU B 18 18.28 -5.93 12.11
C GLU B 18 17.83 -7.35 11.83
N LEU B 19 17.14 -7.56 10.72
CA LEU B 19 16.62 -8.86 10.32
C LEU B 19 16.85 -9.07 8.83
N SER B 20 17.58 -10.13 8.48
CA SER B 20 17.82 -10.44 7.09
C SER B 20 17.13 -11.72 6.68
N VAL B 21 16.66 -11.75 5.43
CA VAL B 21 15.97 -12.90 4.86
C VAL B 21 16.34 -13.02 3.40
N TYR B 22 16.23 -14.24 2.88
CA TYR B 22 16.42 -14.51 1.48
C TYR B 22 15.10 -14.83 0.82
N GLU B 23 14.87 -14.19 -0.33
CA GLU B 23 13.70 -14.47 -1.17
C GLU B 23 14.14 -15.26 -2.41
N ILE B 24 13.51 -16.39 -2.65
CA ILE B 24 13.89 -17.25 -3.77
C ILE B 24 12.66 -17.72 -4.55
N ASN B 25 12.76 -17.57 -5.87
CA ASN B 25 11.76 -18.08 -6.81
C ASN B 25 12.16 -19.49 -7.26
N GLU B 26 11.47 -20.50 -6.72
CA GLU B 26 11.78 -21.89 -7.05
C GLU B 26 10.89 -22.43 -8.17
N LEU B 27 10.21 -21.51 -8.85
CA LEU B 27 9.52 -21.73 -10.11
C LEU B 27 8.30 -22.62 -10.00
N ASP B 28 7.75 -22.70 -8.78
CA ASP B 28 6.64 -23.61 -8.50
C ASP B 28 5.43 -22.87 -7.93
N ARG B 29 5.35 -21.55 -8.11
CA ARG B 29 4.20 -20.76 -7.64
C ARG B 29 3.58 -19.87 -8.73
N HIS B 30 3.78 -20.23 -10.00
CA HIS B 30 3.20 -19.53 -11.15
C HIS B 30 3.70 -18.10 -11.26
N SER B 31 4.85 -17.82 -10.64
CA SER B 31 5.31 -16.45 -10.44
C SER B 31 6.65 -16.18 -11.12
N PRO B 32 6.85 -14.94 -11.65
CA PRO B 32 5.88 -13.82 -11.62
C PRO B 32 4.87 -13.95 -12.75
N LYS B 33 3.72 -13.32 -12.57
CA LYS B 33 2.72 -13.24 -13.63
C LYS B 33 2.78 -11.88 -14.32
N ILE B 34 3.09 -11.86 -15.61
CA ILE B 34 3.20 -10.59 -16.30
C ILE B 34 1.89 -10.23 -17.02
N LEU B 35 1.34 -9.09 -16.63
CA LEU B 35 0.14 -8.55 -17.21
C LEU B 35 0.61 -7.43 -18.12
N LYS B 36 0.66 -7.72 -19.41
CA LYS B 36 1.29 -6.80 -20.39
C LYS B 36 0.24 -5.88 -20.96
N ASN B 37 0.29 -4.61 -20.60
CA ASN B 37 -0.59 -3.61 -21.17
C ASN B 37 0.08 -2.44 -21.90
N ALA B 38 1.36 -2.23 -21.66
CA ALA B 38 2.14 -1.27 -22.42
C ALA B 38 2.35 -1.76 -23.86
N PHE B 39 2.26 -0.82 -24.78
CA PHE B 39 2.36 -1.13 -26.20
C PHE B 39 3.73 -1.70 -26.65
N SER B 40 4.79 -1.48 -25.88
CA SER B 40 6.17 -1.90 -26.25
C SER B 40 6.50 -3.34 -25.93
N LEU B 41 7.52 -3.89 -26.61
CA LEU B 41 8.02 -5.21 -26.27
C LEU B 41 8.72 -5.15 -24.92
N MET B 42 9.32 -4.00 -24.62
CA MET B 42 9.94 -3.85 -23.31
CA MET B 42 9.96 -3.77 -23.33
C MET B 42 8.88 -3.51 -22.26
N PHE B 43 9.26 -3.65 -21.02
CA PHE B 43 8.37 -3.23 -19.92
C PHE B 43 8.09 -1.72 -20.05
N GLY B 44 6.85 -1.31 -19.72
CA GLY B 44 6.53 0.08 -19.62
C GLY B 44 5.33 0.31 -18.72
N LEU B 45 5.08 1.60 -18.45
CA LEU B 45 3.93 1.99 -17.67
C LEU B 45 2.64 1.37 -18.25
N GLY B 46 1.83 0.75 -17.38
CA GLY B 46 0.73 -0.09 -17.77
C GLY B 46 0.92 -1.53 -17.40
N ASP B 47 2.15 -2.00 -17.43
CA ASP B 47 2.43 -3.38 -17.13
C ASP B 47 2.37 -3.59 -15.60
N LEU B 48 1.73 -4.69 -15.19
CA LEU B 48 1.53 -5.04 -13.79
C LEU B 48 2.05 -6.45 -13.57
N VAL B 49 2.68 -6.69 -12.43
CA VAL B 49 3.31 -7.99 -12.17
C VAL B 49 3.01 -8.46 -10.75
N PRO B 50 1.88 -9.14 -10.59
CA PRO B 50 1.65 -9.90 -9.35
C PRO B 50 2.71 -10.96 -9.14
N PHE B 51 3.13 -11.16 -7.90
CA PHE B 51 4.18 -12.12 -7.62
C PHE B 51 4.09 -12.74 -6.22
N THR B 52 4.67 -13.93 -6.11
CA THR B 52 4.87 -14.56 -4.81
C THR B 52 6.04 -15.54 -4.87
N ASN B 53 7.03 -15.32 -4.01
CA ASN B 53 8.22 -16.17 -3.91
C ASN B 53 8.32 -16.82 -2.52
N LYS B 54 9.25 -17.74 -2.35
CA LYS B 54 9.50 -18.31 -1.04
C LYS B 54 10.48 -17.46 -0.23
N LEU B 55 10.31 -17.52 1.10
CA LEU B 55 11.12 -16.76 2.03
C LEU B 55 11.81 -17.71 3.01
N TYR B 56 13.11 -17.51 3.14
CA TYR B 56 13.98 -18.30 4.05
C TYR B 56 14.72 -17.38 5.01
N THR B 57 15.15 -17.92 6.15
CA THR B 57 16.00 -17.17 7.07
C THR B 57 17.32 -16.72 6.43
N GLY B 58 17.92 -15.70 7.03
CA GLY B 58 19.16 -15.16 6.52
C GLY B 58 20.29 -16.16 6.55
N ASP B 59 20.22 -17.09 7.51
CA ASP B 59 21.23 -18.18 7.62
C ASP B 59 20.90 -19.38 6.72
N LEU B 60 19.78 -19.26 6.01
CA LEU B 60 19.27 -20.20 5.02
C LEU B 60 18.91 -21.61 5.58
N LYS B 61 18.83 -21.71 6.90
CA LYS B 61 18.55 -22.97 7.57
C LYS B 61 17.08 -23.37 7.58
N LYS B 62 16.19 -22.36 7.55
CA LYS B 62 14.76 -22.59 7.67
C LYS B 62 13.89 -21.80 6.69
N ARG B 63 12.91 -22.51 6.15
CA ARG B 63 11.78 -21.92 5.45
C ARG B 63 10.91 -21.14 6.45
N VAL B 64 10.64 -19.85 6.18
CA VAL B 64 9.78 -19.08 7.07
C VAL B 64 8.41 -18.79 6.44
N GLY B 65 8.36 -18.63 5.13
CA GLY B 65 7.11 -18.28 4.48
C GLY B 65 7.23 -17.89 3.03
N ILE B 66 6.58 -16.76 2.68
CA ILE B 66 6.51 -16.29 1.30
C ILE B 66 6.56 -14.77 1.23
N THR B 67 6.82 -14.25 0.05
CA THR B 67 6.49 -12.86 -0.26
C THR B 67 5.22 -12.87 -1.07
N ALA B 68 4.51 -11.74 -1.10
CA ALA B 68 3.21 -11.69 -1.78
C ALA B 68 2.80 -10.26 -2.03
N GLY B 69 2.58 -9.94 -3.30
CA GLY B 69 2.09 -8.62 -3.67
C GLY B 69 2.16 -8.27 -5.15
N LEU B 70 2.38 -6.98 -5.42
CA LEU B 70 2.24 -6.42 -6.74
C LEU B 70 3.41 -5.49 -7.08
N CYS B 71 4.04 -5.73 -8.23
CA CYS B 71 4.97 -4.77 -8.83
C CYS B 71 4.28 -4.01 -9.98
N VAL B 72 4.32 -2.68 -9.92
CA VAL B 72 3.79 -1.79 -10.93
C VAL B 72 4.97 -1.22 -11.74
N VAL B 73 5.02 -1.50 -13.03
CA VAL B 73 6.10 -0.96 -13.84
C VAL B 73 5.92 0.56 -13.92
N ILE B 74 7.01 1.28 -13.67
CA ILE B 74 7.01 2.74 -13.77
C ILE B 74 7.71 3.23 -15.05
N GLU B 75 8.86 2.65 -15.38
CA GLU B 75 9.49 2.95 -16.63
C GLU B 75 10.58 1.92 -16.95
N HIS B 76 10.91 1.82 -18.23
CA HIS B 76 12.14 1.15 -18.66
C HIS B 76 13.29 2.16 -18.53
N VAL B 77 14.48 1.71 -18.17
CA VAL B 77 15.64 2.57 -17.96
C VAL B 77 16.75 2.02 -18.88
N PRO B 78 16.71 2.43 -20.14
CA PRO B 78 17.59 1.82 -21.14
C PRO B 78 19.08 2.02 -20.83
N GLU B 79 19.44 3.14 -20.22
CA GLU B 79 20.86 3.42 -19.95
C GLU B 79 21.44 2.49 -18.87
N LYS B 80 20.56 1.86 -18.09
CA LYS B 80 20.95 0.89 -17.07
C LYS B 80 20.56 -0.52 -17.43
N LYS B 81 20.02 -0.71 -18.64
CA LYS B 81 19.52 -1.99 -19.09
C LYS B 81 18.62 -2.68 -18.03
N GLY B 82 17.64 -1.91 -17.52
CA GLY B 82 16.73 -2.51 -16.54
C GLY B 82 15.47 -1.68 -16.41
N GLU B 83 14.73 -1.99 -15.35
CA GLU B 83 13.40 -1.43 -15.08
C GLU B 83 13.28 -0.82 -13.71
N ARG B 84 12.40 0.18 -13.62
CA ARG B 84 11.95 0.69 -12.34
C ARG B 84 10.51 0.22 -12.08
N PHE B 85 10.32 -0.45 -10.94
CA PHE B 85 8.98 -0.83 -10.45
C PHE B 85 8.67 -0.04 -9.17
N GLU B 86 7.37 0.09 -8.88
CA GLU B 86 6.87 0.55 -7.60
C GLU B 86 6.17 -0.67 -7.02
N ALA B 87 6.59 -1.09 -5.84
CA ALA B 87 6.15 -2.36 -5.23
C ALA B 87 5.38 -2.14 -3.94
N THR B 88 4.33 -2.95 -3.80
CA THR B 88 3.44 -3.03 -2.67
C THR B 88 3.29 -4.50 -2.30
N TYR B 89 3.88 -4.92 -1.18
CA TYR B 89 3.85 -6.33 -0.83
C TYR B 89 4.20 -6.60 0.61
N SER B 90 3.97 -7.85 1.00
CA SER B 90 4.23 -8.33 2.34
C SER B 90 5.15 -9.55 2.36
N PHE B 91 5.76 -9.70 3.54
CA PHE B 91 6.70 -10.76 3.91
C PHE B 91 6.06 -11.56 5.05
N TYR B 92 5.82 -12.84 4.82
CA TYR B 92 5.06 -13.73 5.74
C TYR B 92 6.03 -14.68 6.46
N PHE B 93 5.90 -14.71 7.79
CA PHE B 93 6.75 -15.48 8.70
C PHE B 93 5.93 -16.49 9.53
N GLY B 94 5.00 -17.20 8.87
CA GLY B 94 4.20 -18.22 9.54
C GLY B 94 3.48 -17.67 10.75
N ASP B 95 3.58 -18.36 11.90
CA ASP B 95 2.84 -17.94 13.07
C ASP B 95 3.43 -16.69 13.70
N TYR B 96 4.63 -16.26 13.29
CA TYR B 96 5.16 -15.01 13.80
C TYR B 96 4.40 -13.75 13.29
N GLY B 97 3.74 -13.83 12.15
CA GLY B 97 3.06 -12.69 11.54
C GLY B 97 3.68 -12.23 10.25
N HIS B 98 3.57 -10.93 9.94
CA HIS B 98 4.05 -10.42 8.64
C HIS B 98 4.53 -8.99 8.76
N LEU B 99 5.32 -8.58 7.77
CA LEU B 99 5.74 -7.21 7.55
C LEU B 99 5.24 -6.74 6.18
N SER B 100 4.82 -5.49 6.09
CA SER B 100 4.34 -4.91 4.84
C SER B 100 5.26 -3.76 4.43
N VAL B 101 5.43 -3.56 3.12
CA VAL B 101 6.35 -2.57 2.58
C VAL B 101 5.76 -1.84 1.37
N GLN B 102 6.36 -0.70 1.07
N GLN B 102 6.29 -0.64 1.11
CA GLN B 102 6.05 0.06 -0.10
CA GLN B 102 5.89 0.25 -0.01
C GLN B 102 7.30 0.80 -0.51
C GLN B 102 7.20 0.94 -0.52
N GLY B 103 7.55 0.77 -1.80
CA GLY B 103 8.70 1.48 -2.34
C GLY B 103 9.24 0.99 -3.66
N PRO B 104 10.49 1.40 -3.95
CA PRO B 104 11.04 1.13 -5.27
C PRO B 104 11.76 -0.20 -5.39
N TYR B 105 11.58 -0.87 -6.53
CA TYR B 105 12.38 -2.05 -6.91
C TYR B 105 12.97 -1.72 -8.26
N LEU B 106 14.30 -1.60 -8.29
CA LEU B 106 15.05 -1.28 -9.48
C LEU B 106 15.85 -2.50 -9.90
N THR B 107 15.64 -3.02 -11.09
CA THR B 107 16.24 -4.32 -11.45
C THR B 107 17.76 -4.21 -11.58
N TYR B 108 18.26 -2.99 -11.60
CA TYR B 108 19.69 -2.75 -11.89
C TYR B 108 20.54 -2.30 -10.69
N GLU B 109 19.91 -2.03 -9.54
CA GLU B 109 20.66 -1.58 -8.37
C GLU B 109 19.86 -1.77 -7.07
N ASP B 110 20.57 -1.83 -5.96
CA ASP B 110 19.94 -1.91 -4.63
C ASP B 110 19.04 -0.70 -4.33
N SER B 111 18.03 -0.91 -3.48
CA SER B 111 17.14 0.18 -3.06
C SER B 111 16.70 -0.01 -1.63
N PHE B 112 16.04 1.02 -1.09
CA PHE B 112 15.38 0.92 0.22
C PHE B 112 13.88 1.10 0.07
N LEU B 113 13.11 0.25 0.73
CA LEU B 113 11.63 0.39 0.79
C LEU B 113 11.18 0.79 2.18
N ALA B 114 10.03 1.43 2.27
CA ALA B 114 9.45 1.79 3.53
C ALA B 114 8.75 0.58 4.17
N ILE B 115 8.95 0.37 5.46
CA ILE B 115 8.12 -0.56 6.23
C ILE B 115 6.82 0.17 6.62
N THR B 116 5.69 -0.29 6.11
CA THR B 116 4.42 0.41 6.35
C THR B 116 3.71 -0.05 7.63
N GLY B 117 4.05 -1.23 8.12
CA GLY B 117 3.53 -1.78 9.37
C GLY B 117 3.70 -3.28 9.39
N GLY B 118 3.19 -3.92 10.43
CA GLY B 118 3.24 -5.36 10.55
C GLY B 118 2.13 -5.90 11.42
N ALA B 119 2.17 -7.21 11.66
CA ALA B 119 1.27 -7.90 12.58
C ALA B 119 1.96 -9.06 13.29
N GLY B 120 1.33 -9.53 14.38
CA GLY B 120 1.93 -10.59 15.19
C GLY B 120 3.12 -10.05 15.97
N ILE B 121 4.28 -10.71 15.90
CA ILE B 121 5.44 -10.14 16.61
C ILE B 121 5.89 -8.86 15.95
N PHE B 122 5.43 -8.61 14.73
CA PHE B 122 5.77 -7.38 14.02
C PHE B 122 4.73 -6.25 14.14
N GLU B 123 3.74 -6.42 15.02
CA GLU B 123 2.83 -5.35 15.33
C GLU B 123 3.60 -4.13 15.76
N GLY B 124 3.23 -2.98 15.21
CA GLY B 124 3.89 -1.74 15.49
C GLY B 124 5.17 -1.47 14.74
N ALA B 125 5.58 -2.39 13.88
CA ALA B 125 6.82 -2.21 13.14
C ALA B 125 6.85 -0.94 12.30
N TYR B 126 7.99 -0.26 12.33
CA TYR B 126 8.30 0.82 11.39
C TYR B 126 9.79 0.85 11.06
N GLY B 127 10.14 1.60 10.02
CA GLY B 127 11.50 1.68 9.56
C GLY B 127 11.62 1.51 8.07
N GLN B 128 12.74 0.95 7.65
CA GLN B 128 13.01 0.75 6.24
C GLN B 128 13.74 -0.58 6.02
N VAL B 129 13.72 -1.06 4.78
CA VAL B 129 14.34 -2.34 4.42
C VAL B 129 15.17 -2.19 3.15
N LYS B 130 16.37 -2.76 3.14
CA LYS B 130 17.23 -2.77 1.96
C LYS B 130 16.94 -3.99 1.13
N LEU B 131 16.77 -3.76 -0.16
CA LEU B 131 16.59 -4.82 -1.16
C LEU B 131 17.83 -4.96 -2.03
N GLN B 132 18.42 -6.16 -2.05
CA GLN B 132 19.61 -6.48 -2.88
C GLN B 132 19.33 -7.67 -3.75
N GLN B 133 19.29 -7.42 -5.05
CA GLN B 133 19.04 -8.50 -5.99
C GLN B 133 20.35 -9.26 -6.26
N LEU B 134 20.30 -10.57 -6.20
CA LEU B 134 21.47 -11.42 -6.43
C LEU B 134 21.43 -12.14 -7.79
N VAL B 135 20.25 -12.58 -8.18
CA VAL B 135 20.00 -13.13 -9.53
C VAL B 135 18.70 -12.53 -10.00
N TYR B 136 18.71 -11.90 -11.17
CA TYR B 136 17.49 -11.29 -11.69
C TYR B 136 16.64 -12.34 -12.36
N PRO B 137 15.41 -12.61 -11.86
CA PRO B 137 14.72 -12.07 -10.68
C PRO B 137 14.54 -13.12 -9.59
N THR B 138 15.34 -14.20 -9.59
CA THR B 138 15.02 -15.35 -8.76
C THR B 138 15.62 -15.41 -7.35
N LYS B 139 16.60 -14.55 -7.04
CA LYS B 139 17.24 -14.53 -5.72
C LYS B 139 17.48 -13.13 -5.24
N LEU B 140 16.94 -12.81 -4.08
CA LEU B 140 17.13 -11.51 -3.45
C LEU B 140 17.42 -11.64 -1.96
N PHE B 141 18.13 -10.64 -1.41
CA PHE B 141 18.54 -10.62 -0.01
C PHE B 141 18.08 -9.32 0.60
N TYR B 142 17.37 -9.42 1.72
CA TYR B 142 16.82 -8.25 2.38
C TYR B 142 17.40 -8.02 3.76
N THR B 143 17.52 -6.75 4.13
CA THR B 143 17.89 -6.35 5.48
C THR B 143 16.92 -5.30 6.01
N PHE B 144 16.07 -5.72 6.95
CA PHE B 144 15.09 -4.88 7.63
C PHE B 144 15.71 -4.17 8.82
N TYR B 145 15.48 -2.88 8.93
CA TYR B 145 15.90 -2.10 10.09
C TYR B 145 14.66 -1.77 10.88
N LEU B 146 14.35 -2.64 11.84
CA LEU B 146 13.04 -2.67 12.50
C LEU B 146 13.01 -1.90 13.81
N LYS B 147 12.11 -0.93 13.89
CA LYS B 147 11.79 -0.27 15.15
C LYS B 147 10.34 -0.55 15.55
N GLY B 148 10.04 -0.34 16.83
CA GLY B 148 8.69 -0.45 17.31
C GLY B 148 8.22 -1.81 17.79
N LEU B 149 9.07 -2.84 17.71
CA LEU B 149 8.64 -4.16 18.12
C LEU B 149 8.56 -4.25 19.64
N ALA B 150 7.62 -5.06 20.11
CA ALA B 150 7.36 -5.25 21.55
C ALA B 150 8.50 -6.03 22.21
N ASN B 151 9.09 -6.96 21.48
CA ASN B 151 10.12 -7.83 22.05
C ASN B 151 11.32 -8.02 21.13
N ASP B 152 12.40 -8.55 21.70
CA ASP B 152 13.50 -9.00 20.85
C ASP B 152 13.04 -10.07 19.88
N LEU B 153 13.59 -10.03 18.66
CA LEU B 153 13.30 -11.05 17.65
C LEU B 153 13.70 -12.43 18.16
N PRO B 154 12.90 -13.46 17.83
CA PRO B 154 13.26 -14.84 18.20
C PRO B 154 14.57 -15.27 17.58
N LEU B 155 15.34 -16.02 18.36
CA LEU B 155 16.67 -16.43 17.91
C LEU B 155 16.65 -17.23 16.62
N GLU B 156 15.59 -18.00 16.37
CA GLU B 156 15.68 -18.77 15.14
C GLU B 156 15.60 -17.87 13.90
N LEU B 157 15.28 -16.59 14.04
CA LEU B 157 15.32 -15.68 12.88
C LEU B 157 16.59 -14.83 12.76
N THR B 158 17.45 -14.82 13.79
CA THR B 158 18.56 -13.87 13.84
C THR B 158 19.96 -14.50 13.67
N GLY B 159 20.05 -15.73 13.19
CA GLY B 159 21.36 -16.29 12.92
C GLY B 159 22.18 -15.54 11.89
N THR B 160 23.51 -15.64 11.99
CA THR B 160 24.40 -15.01 11.02
C THR B 160 24.05 -15.34 9.57
N PRO B 161 23.90 -14.32 8.73
CA PRO B 161 23.50 -14.59 7.34
C PRO B 161 24.55 -15.31 6.54
N VAL B 162 24.14 -16.13 5.59
CA VAL B 162 25.07 -16.63 4.57
C VAL B 162 25.51 -15.42 3.74
N PRO B 163 26.80 -15.35 3.35
CA PRO B 163 27.26 -14.24 2.49
C PRO B 163 26.48 -14.16 1.18
N PRO B 164 25.91 -12.98 0.89
CA PRO B 164 25.06 -12.92 -0.31
C PRO B 164 25.82 -13.07 -1.60
N SER B 165 25.36 -13.99 -2.44
CA SER B 165 25.93 -14.15 -3.78
C SER B 165 24.91 -14.84 -4.65
N LYS B 166 25.21 -14.90 -5.94
CA LYS B 166 24.33 -15.58 -6.86
C LYS B 166 24.25 -17.09 -6.63
N ASP B 167 25.18 -17.63 -5.86
CA ASP B 167 25.25 -19.07 -5.63
C ASP B 167 24.49 -19.56 -4.40
N ILE B 168 23.80 -18.70 -3.65
CA ILE B 168 23.20 -19.15 -2.37
C ILE B 168 22.10 -20.15 -2.63
N GLU B 169 21.93 -21.05 -1.67
CA GLU B 169 20.89 -22.10 -1.72
C GLU B 169 20.35 -22.34 -0.32
N PRO B 170 19.05 -22.59 -0.20
CA PRO B 170 18.55 -22.97 1.12
C PRO B 170 19.13 -24.33 1.56
N ALA B 171 19.26 -24.52 2.85
CA ALA B 171 19.64 -25.83 3.39
C ALA B 171 18.71 -26.89 2.80
N PRO B 172 19.24 -28.11 2.58
CA PRO B 172 18.42 -29.18 2.00
C PRO B 172 17.17 -29.51 2.80
N GLU B 173 17.30 -29.44 4.13
CA GLU B 173 16.18 -29.73 4.99
C GLU B 173 15.08 -28.67 4.83
N ALA B 174 15.50 -27.44 4.55
CA ALA B 174 14.56 -26.32 4.39
C ALA B 174 13.83 -26.47 3.08
N LYS B 175 14.58 -26.78 2.02
CA LYS B 175 13.98 -26.96 0.71
C LYS B 175 12.98 -28.13 0.71
N ALA B 176 13.30 -29.16 1.48
CA ALA B 176 12.47 -30.40 1.54
C ALA B 176 11.33 -30.32 2.55
N LEU B 177 11.26 -29.23 3.30
CA LEU B 177 10.21 -29.02 4.29
C LEU B 177 10.20 -30.07 5.40
N GLU B 178 11.39 -30.49 5.82
CA GLU B 178 11.53 -31.30 7.02
C GLU B 178 11.34 -30.45 8.26
N PRO B 179 10.78 -31.05 9.33
CA PRO B 179 10.56 -30.25 10.56
C PRO B 179 11.74 -29.42 11.04
N SER B 180 12.96 -29.95 10.92
CA SER B 180 14.12 -29.22 11.37
C SER B 180 14.45 -28.02 10.45
N GLY B 181 13.84 -27.99 9.25
CA GLY B 181 14.15 -26.96 8.25
C GLY B 181 13.01 -25.99 8.01
N VAL B 182 12.00 -25.99 8.88
CA VAL B 182 10.90 -25.03 8.79
C VAL B 182 10.59 -24.43 10.12
N ILE B 183 10.02 -23.22 10.12
CA ILE B 183 9.45 -22.65 11.33
C ILE B 183 8.02 -23.17 11.47
N SER B 184 7.45 -22.93 12.65
CA SER B 184 6.10 -23.43 12.96
C SER B 184 5.04 -22.81 12.05
N ASN B 185 4.30 -23.65 11.33
CA ASN B 185 3.25 -23.21 10.42
C ASN B 185 3.78 -22.16 9.42
N TYR B 186 4.99 -22.43 8.90
CA TYR B 186 5.56 -21.62 7.84
C TYR B 186 4.52 -21.33 6.75
N THR B 187 4.53 -20.10 6.22
CA THR B 187 3.52 -19.71 5.23
C THR B 187 3.81 -20.34 3.89
N ASN B 188 2.78 -20.87 3.25
CA ASN B 188 2.89 -21.43 1.92
C ASN B 188 1.70 -21.02 1.08
N LYS C 15 -1.50 3.40 24.77
CA LYS C 15 -2.91 3.07 24.96
C LYS C 15 -3.54 2.54 23.67
N VAL C 16 -4.13 1.36 23.74
CA VAL C 16 -4.84 0.79 22.63
C VAL C 16 -6.31 1.18 22.72
N GLN C 17 -6.87 1.66 21.62
CA GLN C 17 -8.32 1.87 21.53
C GLN C 17 -8.90 0.88 20.53
N GLU C 18 -9.81 0.03 20.99
CA GLU C 18 -10.46 -0.94 20.08
C GLU C 18 -11.60 -0.31 19.31
N LEU C 19 -11.60 -0.53 18.00
CA LEU C 19 -12.63 0.00 17.13
C LEU C 19 -13.09 -1.14 16.27
N SER C 20 -14.39 -1.46 16.35
CA SER C 20 -14.90 -2.55 15.51
C SER C 20 -15.88 -1.98 14.47
N VAL C 21 -15.90 -2.59 13.30
CA VAL C 21 -16.79 -2.24 12.21
C VAL C 21 -17.24 -3.47 11.45
N TYR C 22 -18.39 -3.36 10.81
CA TYR C 22 -18.89 -4.35 9.87
C TYR C 22 -18.80 -3.85 8.44
N GLU C 23 -18.26 -4.71 7.58
CA GLU C 23 -18.19 -4.45 6.14
C GLU C 23 -19.21 -5.34 5.42
N ILE C 24 -20.12 -4.73 4.66
CA ILE C 24 -21.19 -5.48 4.04
C ILE C 24 -21.25 -5.13 2.55
N ASN C 25 -21.26 -6.16 1.72
CA ASN C 25 -21.53 -5.99 0.30
C ASN C 25 -23.03 -6.08 0.05
N GLU C 26 -23.68 -4.92 -0.20
CA GLU C 26 -25.12 -4.89 -0.45
C GLU C 26 -25.46 -4.93 -1.95
N LEU C 27 -24.45 -5.24 -2.75
CA LEU C 27 -24.59 -5.60 -4.17
C LEU C 27 -24.96 -4.44 -5.07
N ASP C 28 -24.75 -3.23 -4.58
CA ASP C 28 -25.17 -2.03 -5.27
C ASP C 28 -24.03 -1.07 -5.58
N ARG C 29 -22.80 -1.55 -5.55
CA ARG C 29 -21.62 -0.73 -5.85
C ARG C 29 -20.71 -1.36 -6.92
N HIS C 30 -21.29 -2.23 -7.75
CA HIS C 30 -20.56 -2.87 -8.85
C HIS C 30 -19.43 -3.76 -8.41
N SER C 31 -19.47 -4.18 -7.15
CA SER C 31 -18.33 -4.80 -6.50
C SER C 31 -18.63 -6.23 -6.03
N PRO C 32 -17.64 -7.12 -6.08
CA PRO C 32 -16.26 -6.93 -6.55
C PRO C 32 -16.19 -6.98 -8.06
N LYS C 33 -15.13 -6.43 -8.63
CA LYS C 33 -14.88 -6.51 -10.06
C LYS C 33 -13.73 -7.48 -10.28
N ILE C 34 -13.92 -8.53 -11.05
CA ILE C 34 -12.86 -9.53 -11.23
C ILE C 34 -12.16 -9.28 -12.56
N LEU C 35 -10.85 -9.06 -12.49
CA LEU C 35 -10.00 -8.90 -13.66
C LEU C 35 -9.23 -10.20 -13.83
N LYS C 36 -9.66 -10.98 -14.80
CA LYS C 36 -9.20 -12.37 -14.90
C LYS C 36 -7.97 -12.50 -15.82
N ASN C 37 -6.87 -12.97 -15.26
CA ASN C 37 -5.66 -13.25 -16.05
C ASN C 37 -5.00 -14.60 -15.79
N ALA C 38 -5.36 -15.27 -14.70
CA ALA C 38 -4.78 -16.60 -14.40
C ALA C 38 -5.34 -17.61 -15.40
N PHE C 39 -4.50 -18.53 -15.86
CA PHE C 39 -4.96 -19.57 -16.79
C PHE C 39 -5.53 -20.73 -15.98
N SER C 40 -6.65 -20.46 -15.32
CA SER C 40 -7.30 -21.41 -14.46
CA SER C 40 -7.27 -21.36 -14.39
C SER C 40 -8.77 -21.06 -14.27
N LEU C 41 -9.57 -22.08 -14.01
CA LEU C 41 -10.98 -21.88 -13.71
C LEU C 41 -11.13 -21.34 -12.29
N MET C 42 -10.15 -21.67 -11.46
CA MET C 42 -10.12 -21.15 -10.10
CA MET C 42 -10.00 -21.18 -10.08
C MET C 42 -9.34 -19.80 -10.08
N PHE C 43 -9.55 -19.03 -9.02
CA PHE C 43 -8.71 -17.84 -8.78
C PHE C 43 -7.25 -18.30 -8.83
N GLY C 44 -6.38 -17.44 -9.40
CA GLY C 44 -4.96 -17.73 -9.42
C GLY C 44 -4.18 -16.44 -9.59
N LEU C 45 -2.87 -16.54 -9.37
CA LEU C 45 -1.96 -15.42 -9.54
C LEU C 45 -2.15 -14.80 -10.93
N GLY C 46 -2.31 -13.48 -10.94
CA GLY C 46 -2.69 -12.75 -12.14
C GLY C 46 -4.08 -12.14 -12.02
N ASP C 47 -4.96 -12.78 -11.27
CA ASP C 47 -6.28 -12.24 -11.07
C ASP C 47 -6.23 -11.07 -10.07
N LEU C 48 -6.90 -9.96 -10.42
CA LEU C 48 -6.95 -8.75 -9.60
C LEU C 48 -8.41 -8.43 -9.31
N VAL C 49 -8.67 -7.97 -8.08
CA VAL C 49 -10.04 -7.69 -7.66
C VAL C 49 -10.16 -6.35 -6.95
N PRO C 50 -10.39 -5.27 -7.73
CA PRO C 50 -10.80 -3.98 -7.18
C PRO C 50 -12.14 -4.15 -6.46
N PHE C 51 -12.30 -3.52 -5.29
CA PHE C 51 -13.56 -3.68 -4.56
C PHE C 51 -13.89 -2.45 -3.73
N THR C 52 -15.19 -2.33 -3.40
CA THR C 52 -15.64 -1.30 -2.47
C THR C 52 -16.97 -1.76 -1.86
N ASN C 53 -16.98 -1.91 -0.54
CA ASN C 53 -18.19 -2.32 0.19
C ASN C 53 -18.67 -1.20 1.14
N LYS C 54 -19.86 -1.34 1.70
CA LYS C 54 -20.32 -0.44 2.76
C LYS C 54 -19.77 -0.78 4.14
N LEU C 55 -19.61 0.26 4.96
CA LEU C 55 -19.03 0.12 6.29
C LEU C 55 -20.00 0.70 7.31
N TYR C 56 -20.21 -0.10 8.35
CA TYR C 56 -21.13 0.22 9.45
C TYR C 56 -20.39 0.14 10.79
N THR C 57 -20.90 0.86 11.79
CA THR C 57 -20.33 0.75 13.11
C THR C 57 -20.43 -0.67 13.69
N GLY C 58 -19.61 -0.93 14.69
CA GLY C 58 -19.56 -2.25 15.32
C GLY C 58 -20.88 -2.60 16.01
N ASP C 59 -21.62 -1.59 16.45
CA ASP C 59 -22.94 -1.84 17.08
C ASP C 59 -24.06 -1.89 16.07
N LEU C 60 -23.69 -1.72 14.79
CA LEU C 60 -24.57 -1.81 13.63
C LEU C 60 -25.64 -0.73 13.58
N LYS C 61 -25.50 0.31 14.40
CA LYS C 61 -26.48 1.40 14.43
C LYS C 61 -26.33 2.43 13.33
N LYS C 62 -25.12 2.56 12.80
CA LYS C 62 -24.84 3.67 11.89
C LYS C 62 -24.00 3.28 10.68
N ARG C 63 -24.39 3.79 9.52
CA ARG C 63 -23.53 3.80 8.32
C ARG C 63 -22.40 4.79 8.50
N VAL C 64 -21.14 4.37 8.39
CA VAL C 64 -20.02 5.33 8.49
C VAL C 64 -19.41 5.67 7.14
N GLY C 65 -19.42 4.72 6.20
CA GLY C 65 -18.72 4.95 4.96
C GLY C 65 -18.58 3.69 4.09
N ILE C 66 -17.36 3.49 3.59
CA ILE C 66 -17.06 2.43 2.64
C ILE C 66 -15.65 1.89 2.90
N THR C 67 -15.42 0.69 2.40
CA THR C 67 -14.06 0.21 2.14
C THR C 67 -13.75 0.49 0.68
N ALA C 68 -12.45 0.55 0.33
CA ALA C 68 -12.07 0.84 -1.03
C ALA C 68 -10.64 0.38 -1.25
N GLY C 69 -10.41 -0.41 -2.29
CA GLY C 69 -9.04 -0.84 -2.59
C GLY C 69 -8.95 -2.01 -3.53
N LEU C 70 -7.87 -2.78 -3.37
CA LEU C 70 -7.50 -3.83 -4.31
C LEU C 70 -7.08 -5.11 -3.60
N CYS C 71 -7.70 -6.22 -4.02
CA CYS C 71 -7.24 -7.56 -3.64
C CYS C 71 -6.46 -8.20 -4.78
N VAL C 72 -5.24 -8.63 -4.48
CA VAL C 72 -4.36 -9.31 -5.43
C VAL C 72 -4.37 -10.80 -5.11
N VAL C 73 -4.85 -11.63 -6.03
CA VAL C 73 -4.84 -13.08 -5.76
C VAL C 73 -3.40 -13.57 -5.74
N ILE C 74 -3.05 -14.34 -4.70
CA ILE C 74 -1.74 -14.93 -4.55
C ILE C 74 -1.74 -16.41 -4.94
N GLU C 75 -2.76 -17.16 -4.48
CA GLU C 75 -2.85 -18.58 -4.82
C GLU C 75 -4.23 -19.13 -4.45
N HIS C 76 -4.64 -20.18 -5.14
CA HIS C 76 -5.75 -21.01 -4.68
C HIS C 76 -5.20 -22.01 -3.69
N VAL C 77 -5.92 -22.29 -2.62
CA VAL C 77 -5.48 -23.21 -1.56
C VAL C 77 -6.52 -24.37 -1.47
N PRO C 78 -6.35 -25.40 -2.29
CA PRO C 78 -7.41 -26.42 -2.41
C PRO C 78 -7.61 -27.21 -1.11
N GLU C 79 -6.57 -27.39 -0.31
CA GLU C 79 -6.73 -28.19 0.89
C GLU C 79 -7.50 -27.41 1.95
N LYS C 80 -7.64 -26.09 1.74
CA LYS C 80 -8.45 -25.27 2.63
C LYS C 80 -9.74 -24.77 1.97
N LYS C 81 -10.01 -25.23 0.76
CA LYS C 81 -11.17 -24.79 -0.03
C LYS C 81 -11.32 -23.27 -0.02
N GLY C 82 -10.25 -22.57 -0.33
CA GLY C 82 -10.33 -21.12 -0.41
C GLY C 82 -9.13 -20.52 -1.13
N GLU C 83 -9.06 -19.18 -1.02
CA GLU C 83 -8.02 -18.37 -1.70
C GLU C 83 -7.23 -17.53 -0.72
N ARG C 84 -5.99 -17.27 -1.08
CA ARG C 84 -5.17 -16.25 -0.41
C ARG C 84 -5.08 -15.03 -1.31
N PHE C 85 -5.50 -13.90 -0.75
CA PHE C 85 -5.32 -12.61 -1.37
C PHE C 85 -4.29 -11.79 -0.57
N GLU C 86 -3.65 -10.85 -1.27
CA GLU C 86 -2.87 -9.77 -0.65
C GLU C 86 -3.67 -8.47 -0.85
N ALA C 87 -4.04 -7.81 0.24
CA ALA C 87 -5.01 -6.67 0.19
C ALA C 87 -4.36 -5.35 0.58
N THR C 88 -4.69 -4.31 -0.17
CA THR C 88 -4.26 -2.94 0.09
C THR C 88 -5.47 -2.03 -0.06
N TYR C 89 -5.94 -1.46 1.05
CA TYR C 89 -7.23 -0.77 1.02
C TYR C 89 -7.44 0.14 2.23
N SER C 90 -8.45 0.97 2.12
CA SER C 90 -8.79 1.90 3.18
C SER C 90 -10.22 1.76 3.65
N PHE C 91 -10.43 2.24 4.86
CA PHE C 91 -11.71 2.27 5.56
C PHE C 91 -12.09 3.73 5.78
N TYR C 92 -13.22 4.16 5.24
CA TYR C 92 -13.62 5.59 5.28
C TYR C 92 -14.73 5.81 6.30
N PHE C 93 -14.55 6.86 7.12
CA PHE C 93 -15.46 7.17 8.23
C PHE C 93 -16.01 8.60 8.07
N GLY C 94 -16.51 8.94 6.89
CA GLY C 94 -17.16 10.22 6.67
C GLY C 94 -16.26 11.38 7.01
N ASP C 95 -16.79 12.33 7.81
CA ASP C 95 -16.08 13.53 8.20
CA ASP C 95 -16.03 13.54 8.13
C ASP C 95 -14.85 13.26 9.08
N TYR C 96 -14.81 12.08 9.69
CA TYR C 96 -13.76 11.81 10.66
C TYR C 96 -12.38 11.47 10.04
N GLY C 97 -12.38 10.93 8.83
CA GLY C 97 -11.15 10.56 8.17
C GLY C 97 -11.15 9.12 7.74
N HIS C 98 -9.95 8.53 7.68
CA HIS C 98 -9.83 7.15 7.17
C HIS C 98 -8.64 6.42 7.80
N LEU C 99 -8.71 5.09 7.72
CA LEU C 99 -7.64 4.16 8.12
C LEU C 99 -7.20 3.37 6.91
N SER C 100 -5.90 3.16 6.76
CA SER C 100 -5.38 2.34 5.66
C SER C 100 -4.73 1.08 6.21
N VAL C 101 -4.74 0.02 5.41
CA VAL C 101 -4.23 -1.29 5.83
C VAL C 101 -3.53 -2.02 4.68
N GLN C 102 -2.70 -2.98 5.03
N GLN C 102 -2.80 -3.06 5.04
CA GLN C 102 -2.09 -3.90 4.09
CA GLN C 102 -1.98 -3.86 4.14
C GLN C 102 -1.93 -5.25 4.78
C GLN C 102 -1.79 -5.25 4.75
N GLY C 103 -2.10 -6.32 4.01
CA GLY C 103 -1.87 -7.65 4.54
C GLY C 103 -2.76 -8.71 3.97
N PRO C 104 -2.87 -9.83 4.68
CA PRO C 104 -3.50 -10.99 4.06
C PRO C 104 -5.03 -11.06 4.24
N TYR C 105 -5.74 -11.44 3.18
CA TYR C 105 -7.17 -11.79 3.26
C TYR C 105 -7.25 -13.22 2.78
N LEU C 106 -7.60 -14.13 3.70
CA LEU C 106 -7.74 -15.56 3.43
C LEU C 106 -9.23 -15.92 3.47
N THR C 107 -9.79 -16.46 2.38
CA THR C 107 -11.25 -16.63 2.38
C THR C 107 -11.66 -17.73 3.36
N TYR C 108 -10.68 -18.47 3.86
CA TYR C 108 -10.95 -19.68 4.65
C TYR C 108 -10.68 -19.55 6.15
N GLU C 109 -10.09 -18.44 6.59
CA GLU C 109 -9.82 -18.26 8.01
C GLU C 109 -9.60 -16.78 8.34
N ASP C 110 -9.69 -16.45 9.63
CA ASP C 110 -9.41 -15.11 10.10
C ASP C 110 -7.93 -14.74 9.86
N SER C 111 -7.64 -13.44 9.81
CA SER C 111 -6.27 -12.96 9.67
C SER C 111 -6.10 -11.62 10.35
N PHE C 112 -4.83 -11.20 10.47
CA PHE C 112 -4.48 -9.86 10.95
C PHE C 112 -3.77 -9.07 9.85
N LEU C 113 -4.20 -7.83 9.62
CA LEU C 113 -3.54 -6.95 8.66
C LEU C 113 -2.81 -5.83 9.42
N ALA C 114 -1.79 -5.26 8.81
CA ALA C 114 -1.11 -4.08 9.34
C ALA C 114 -1.95 -2.83 9.13
N ILE C 115 -2.06 -1.99 10.16
CA ILE C 115 -2.53 -0.63 10.00
C ILE C 115 -1.37 0.26 9.53
N THR C 116 -1.43 0.73 8.29
CA THR C 116 -0.31 1.43 7.69
C THR C 116 -0.30 2.93 8.02
N GLY C 117 -1.46 3.45 8.40
CA GLY C 117 -1.57 4.86 8.79
C GLY C 117 -3.01 5.31 8.69
N GLY C 118 -3.25 6.59 8.96
CA GLY C 118 -4.58 7.16 8.88
C GLY C 118 -4.57 8.64 8.56
N ALA C 119 -5.78 9.22 8.50
CA ALA C 119 -5.90 10.66 8.35
C ALA C 119 -7.12 11.15 9.13
N GLY C 120 -7.16 12.45 9.37
CA GLY C 120 -8.21 13.04 10.18
C GLY C 120 -8.02 12.65 11.64
N ILE C 121 -9.09 12.19 12.31
CA ILE C 121 -8.94 11.80 13.71
C ILE C 121 -8.03 10.54 13.80
N PHE C 122 -7.80 9.88 12.67
CA PHE C 122 -6.95 8.68 12.64
C PHE C 122 -5.51 8.99 12.25
N GLU C 123 -5.19 10.27 12.10
CA GLU C 123 -3.80 10.66 11.86
C GLU C 123 -2.90 10.03 12.94
N GLY C 124 -1.80 9.44 12.51
CA GLY C 124 -0.88 8.80 13.44
C GLY C 124 -1.20 7.36 13.84
N ALA C 125 -2.29 6.82 13.30
CA ALA C 125 -2.68 5.44 13.64
C ALA C 125 -1.62 4.42 13.32
N TYR C 126 -1.42 3.48 14.22
CA TYR C 126 -0.63 2.29 13.90
C TYR C 126 -1.13 1.10 14.70
N GLY C 127 -0.65 -0.08 14.35
CA GLY C 127 -1.07 -1.30 14.99
C GLY C 127 -1.51 -2.34 13.99
N GLN C 128 -2.36 -3.24 14.45
CA GLN C 128 -2.91 -4.32 13.63
C GLN C 128 -4.41 -4.41 13.77
N VAL C 129 -5.05 -5.03 12.79
CA VAL C 129 -6.50 -5.23 12.76
C VAL C 129 -6.84 -6.67 12.44
N LYS C 130 -7.78 -7.21 13.22
CA LYS C 130 -8.27 -8.57 12.99
C LYS C 130 -9.42 -8.57 12.05
N LEU C 131 -9.29 -9.37 11.00
CA LEU C 131 -10.34 -9.63 10.02
C LEU C 131 -11.01 -10.96 10.30
N GLN C 132 -12.35 -10.95 10.46
CA GLN C 132 -13.17 -12.15 10.62
C GLN C 132 -14.23 -12.23 9.54
N GLN C 133 -14.21 -13.27 8.70
CA GLN C 133 -15.24 -13.36 7.64
C GLN C 133 -16.44 -14.04 8.24
N LEU C 134 -17.63 -13.53 7.99
CA LEU C 134 -18.86 -14.07 8.57
C LEU C 134 -19.70 -14.80 7.52
N VAL C 135 -19.89 -14.15 6.37
CA VAL C 135 -20.54 -14.76 5.19
C VAL C 135 -19.68 -14.48 3.99
N TYR C 136 -19.19 -15.53 3.32
CA TYR C 136 -18.32 -15.33 2.17
C TYR C 136 -19.15 -14.96 0.94
N PRO C 137 -18.80 -13.86 0.27
CA PRO C 137 -17.84 -12.78 0.55
C PRO C 137 -18.54 -11.52 1.03
N THR C 138 -19.79 -11.61 1.49
CA THR C 138 -20.61 -10.42 1.63
C THR C 138 -20.63 -9.77 3.01
N LYS C 139 -20.18 -10.47 4.05
CA LYS C 139 -20.18 -9.91 5.40
C LYS C 139 -18.88 -10.20 6.14
N LEU C 140 -18.21 -9.13 6.60
CA LEU C 140 -17.02 -9.26 7.42
C LEU C 140 -17.07 -8.36 8.65
N PHE C 141 -16.33 -8.75 9.67
CA PHE C 141 -16.21 -8.00 10.92
C PHE C 141 -14.75 -7.76 11.23
N TYR C 142 -14.43 -6.52 11.67
CA TYR C 142 -13.07 -6.13 11.95
C TYR C 142 -12.95 -5.54 13.35
N THR C 143 -11.82 -5.79 13.98
CA THR C 143 -11.46 -5.11 15.21
C THR C 143 -10.06 -4.54 15.05
N PHE C 144 -10.01 -3.20 14.99
CA PHE C 144 -8.78 -2.45 14.95
C PHE C 144 -8.20 -2.28 16.35
N TYR C 145 -6.95 -2.64 16.55
CA TYR C 145 -6.28 -2.37 17.84
C TYR C 145 -5.40 -1.14 17.71
N LEU C 146 -6.05 0.02 17.82
CA LEU C 146 -5.51 1.30 17.40
C LEU C 146 -4.61 1.94 18.42
N LYS C 147 -3.39 2.22 18.00
CA LYS C 147 -2.43 3.03 18.77
C LYS C 147 -2.14 4.34 18.06
N GLY C 148 -1.68 5.34 18.79
CA GLY C 148 -1.13 6.54 18.19
C GLY C 148 -2.12 7.68 17.94
N LEU C 149 -3.39 7.47 18.26
CA LEU C 149 -4.37 8.52 18.04
C LEU C 149 -4.19 9.67 19.04
N ALA C 150 -4.50 10.88 18.58
CA ALA C 150 -4.40 12.09 19.41
C ALA C 150 -5.44 12.14 20.51
N ASN C 151 -6.65 11.64 20.26
CA ASN C 151 -7.74 11.70 21.21
C ASN C 151 -8.53 10.42 21.35
N ASP C 152 -9.33 10.33 22.40
CA ASP C 152 -10.32 9.28 22.46
C ASP C 152 -11.25 9.32 21.26
N LEU C 153 -11.59 8.15 20.76
CA LEU C 153 -12.53 8.06 19.64
C LEU C 153 -13.90 8.62 20.04
N PRO C 154 -14.63 9.18 19.08
CA PRO C 154 -15.98 9.69 19.38
C PRO C 154 -16.96 8.58 19.81
N LEU C 155 -17.87 8.92 20.72
CA LEU C 155 -18.76 7.92 21.27
C LEU C 155 -19.62 7.24 20.19
N GLU C 156 -19.97 7.95 19.14
CA GLU C 156 -20.84 7.31 18.16
C GLU C 156 -20.14 6.22 17.34
N LEU C 157 -18.80 6.17 17.41
CA LEU C 157 -18.05 5.05 16.80
C LEU C 157 -17.74 3.91 17.78
N THR C 158 -17.92 4.09 19.09
CA THR C 158 -17.46 3.08 20.03
C THR C 158 -18.58 2.49 20.88
N GLY C 159 -19.79 2.44 20.35
CA GLY C 159 -20.84 1.68 21.02
C GLY C 159 -20.43 0.22 21.12
N THR C 160 -20.91 -0.47 22.15
CA THR C 160 -20.61 -1.88 22.34
C THR C 160 -20.91 -2.69 21.09
N PRO C 161 -19.92 -3.42 20.58
CA PRO C 161 -20.22 -4.13 19.34
C PRO C 161 -21.22 -5.26 19.48
N VAL C 162 -21.98 -5.48 18.40
CA VAL C 162 -22.83 -6.65 18.28
C VAL C 162 -21.91 -7.84 18.04
N PRO C 163 -22.04 -8.91 18.84
CA PRO C 163 -21.19 -10.10 18.61
C PRO C 163 -21.35 -10.61 17.18
N PRO C 164 -20.24 -10.88 16.49
CA PRO C 164 -20.36 -11.29 15.09
C PRO C 164 -21.01 -12.66 14.95
N SER C 165 -21.91 -12.78 13.99
CA SER C 165 -22.52 -14.03 13.59
C SER C 165 -22.99 -13.85 12.15
N LYS C 166 -23.36 -14.95 11.50
CA LYS C 166 -23.75 -14.88 10.09
C LYS C 166 -25.09 -14.13 9.87
N ASP C 167 -25.87 -14.00 10.93
CA ASP C 167 -27.20 -13.40 10.85
C ASP C 167 -27.27 -11.88 11.13
N ILE C 168 -26.14 -11.22 11.33
CA ILE C 168 -26.18 -9.80 11.67
C ILE C 168 -26.77 -9.00 10.52
N GLU C 169 -27.36 -7.85 10.87
CA GLU C 169 -27.90 -6.92 9.90
C GLU C 169 -27.75 -5.51 10.44
N PRO C 170 -27.48 -4.54 9.57
CA PRO C 170 -27.46 -3.17 10.05
C PRO C 170 -28.84 -2.75 10.50
N ALA C 171 -28.87 -1.81 11.44
CA ALA C 171 -30.15 -1.26 11.87
C ALA C 171 -30.90 -0.72 10.65
N PRO C 172 -32.24 -0.85 10.66
CA PRO C 172 -33.04 -0.36 9.51
C PRO C 172 -32.79 1.12 9.17
N GLU C 173 -32.57 1.95 10.19
CA GLU C 173 -32.35 3.38 9.96
C GLU C 173 -31.02 3.62 9.22
N ALA C 174 -30.05 2.75 9.48
CA ALA C 174 -28.74 2.83 8.83
C ALA C 174 -28.82 2.36 7.38
N LYS C 175 -29.52 1.25 7.15
CA LYS C 175 -29.77 0.79 5.80
C LYS C 175 -30.54 1.82 4.97
N ALA C 176 -31.46 2.55 5.59
CA ALA C 176 -32.31 3.52 4.89
C ALA C 176 -31.68 4.93 4.84
N LEU C 177 -30.51 5.07 5.44
CA LEU C 177 -29.75 6.32 5.38
C LEU C 177 -30.52 7.51 6.00
N GLU C 178 -31.26 7.22 7.06
CA GLU C 178 -31.87 8.26 7.88
C GLU C 178 -30.81 8.91 8.77
N PRO C 179 -30.98 10.21 9.09
CA PRO C 179 -29.92 10.85 9.87
C PRO C 179 -29.55 10.16 11.18
N SER C 180 -30.50 9.52 11.88
CA SER C 180 -30.18 8.84 13.12
C SER C 180 -29.32 7.61 12.86
N GLY C 181 -29.30 7.15 11.61
CA GLY C 181 -28.58 5.93 11.24
C GLY C 181 -27.30 6.16 10.42
N VAL C 182 -26.81 7.39 10.33
CA VAL C 182 -25.58 7.68 9.59
C VAL C 182 -24.69 8.64 10.39
N ILE C 183 -23.40 8.65 10.07
CA ILE C 183 -22.55 9.71 10.56
C ILE C 183 -22.55 10.87 9.56
N SER C 184 -22.08 12.04 9.97
CA SER C 184 -22.07 13.20 9.08
C SER C 184 -21.18 12.97 7.88
N ASN C 185 -21.73 13.30 6.72
CA ASN C 185 -21.07 13.11 5.43
CA ASN C 185 -21.03 13.14 5.47
C ASN C 185 -20.48 11.72 5.28
N TYR C 186 -21.25 10.73 5.69
CA TYR C 186 -20.84 9.33 5.54
C TYR C 186 -20.35 9.11 4.09
N THR C 187 -19.27 8.35 3.99
CA THR C 187 -18.66 8.13 2.68
C THR C 187 -19.50 7.20 1.79
N ASN C 188 -19.63 7.57 0.53
CA ASN C 188 -20.43 6.80 -0.41
C ASN C 188 -19.84 6.82 -1.80
C1 MRD D . -3.88 12.19 -11.87
C2 MRD D . -2.92 11.05 -11.57
O2 MRD D . -1.65 11.33 -12.13
CM MRD D . -3.40 9.82 -12.28
C3 MRD D . -2.89 10.86 -10.06
C4 MRD D . -2.26 12.02 -9.33
O4 MRD D . -0.98 12.37 -9.89
C5 MRD D . -2.15 11.71 -7.84
H1C1 MRD D . -2.72 9.11 -12.19
H1C2 MRD D . -4.23 9.52 -11.87
H1C3 MRD D . -3.54 10.01 -13.23
H2 MRD D . -1.65 12.16 -12.48
HMC1 MRD D . -3.52 13.01 -11.49
HMC2 MRD D . -3.98 12.29 -12.84
HMC3 MRD D . -4.74 11.99 -11.46
H3C1 MRD D . -3.81 10.76 -9.75
H3C2 MRD D . -2.40 10.04 -9.85
H4 MRD D . -2.85 12.79 -9.42
HA MRD D . -0.59 11.64 -10.22
H5C1 MRD D . -2.98 11.29 -7.53
H5C2 MRD D . -1.40 11.10 -7.69
H5C3 MRD D . -2.00 12.54 -7.34
P PO4 E . -18.38 -1.83 -14.04
O1 PO4 E . -18.73 -0.50 -14.73
O2 PO4 E . -19.67 -2.54 -13.64
O3 PO4 E . -17.52 -2.71 -14.94
O4 PO4 E . -17.61 -1.54 -12.78
O1 T25 F . 7.77 -16.04 -15.61
O1 T25 F . 14.70 -10.89 -18.04
C1 T25 F . 8.34 -15.26 -16.42
C1 T25 F . 14.58 -12.03 -17.54
O2 T25 F . 7.71 -14.80 -17.40
O2 T25 F . 15.54 -12.84 -17.55
C2 T25 F . 9.77 -14.87 -16.21
C2 T25 F . 13.26 -12.42 -16.94
C3 T25 F . 10.05 -13.69 -15.36
C3 T25 F . 12.37 -11.30 -16.50
C4 T25 F . 10.99 -12.67 -15.86
C4 T25 F . 10.91 -11.58 -16.44
C5 T25 F . 10.55 -11.26 -15.71
C5 T25 F . 10.13 -10.95 -15.33
C6 T25 F . 11.12 -10.47 -14.58
C6 T25 F . 10.89 -10.17 -14.32
C7 T25 F . 10.25 -9.41 -14.01
C7 T25 F . 10.25 -8.94 -13.79
C8 T25 F . 10.39 -9.15 -12.55
C8 T25 F . 10.43 -8.69 -12.33
C9 T25 F . 9.09 -8.60 -12.05
C9 T25 F . 9.12 -8.25 -11.73
C10 T25 F . 8.76 -8.61 -10.70
C10 T25 F . 8.78 -8.59 -10.44
C11 T25 F . 9.67 -9.17 -9.65
C11 T25 F . 9.72 -9.40 -9.60
C12 T25 F . 8.93 -10.23 -8.98
C12 T25 F . 8.95 -10.41 -8.87
O3 T25 F . 9.52 -11.45 -9.21
O3 T25 F . 9.44 -11.67 -9.05
C13 T25 F . 9.49 -10.95 -7.95
C13 T25 F . 9.54 -11.07 -7.83
C14 T25 F . 10.85 -10.63 -7.42
C14 T25 F . 10.94 -10.75 -7.45
C15 T25 F . 10.79 -9.82 -6.16
C15 T25 F . 11.06 -9.95 -6.19
C16 T25 F . 10.22 -8.44 -6.35
C16 T25 F . 10.96 -8.45 -6.36
C17 T25 F . 10.26 -7.50 -5.19
C17 T25 F . 10.37 -7.69 -5.21
C18 T25 F . 9.51 -6.20 -5.30
C18 T25 F . 9.86 -6.31 -5.48
O1 T25 G . -19.00 -11.98 -8.92
C1 T25 G . -18.67 -13.20 -9.03
O2 T25 G . -18.04 -13.60 -10.05
C2 T25 G . -19.01 -14.19 -7.96
C3 T25 G . -17.86 -14.72 -7.18
C4 T25 G . -17.42 -13.94 -6.01
C5 T25 G . -15.98 -13.96 -5.63
C6 T25 G . -15.56 -12.87 -4.70
C7 T25 G . -14.18 -12.90 -4.15
C8 T25 G . -13.88 -11.95 -3.06
C9 T25 G . -12.81 -11.04 -3.54
C10 T25 G . -12.47 -9.86 -2.87
C11 T25 G . -13.13 -9.40 -1.63
C12 T25 G . -13.96 -8.22 -1.89
O3 T25 G . -15.31 -8.48 -1.85
C13 T25 G . -14.73 -7.74 -0.88
C14 T25 G . -14.72 -8.41 0.45
C15 T25 G . -13.74 -7.70 1.37
C16 T25 G . -12.35 -8.26 1.35
C17 T25 G . -11.38 -7.71 2.34
C18 T25 G . -9.93 -7.71 1.97
#